data_9DAI
#
_entry.id   9DAI
#
_cell.length_a   113.529
_cell.length_b   45.612
_cell.length_c   79.473
_cell.angle_alpha   90
_cell.angle_beta   127.06
_cell.angle_gamma   90
#
_symmetry.space_group_name_H-M   'C 1 2 1'
#
loop_
_entity.id
_entity.type
_entity.pdbx_description
1 polymer 'High affinity nerve growth factor receptor'
2 non-polymer STAUROSPORINE
#
_entity_poly.entity_id   1
_entity_poly.type   'polypeptide(L)'
_entity_poly.pdbx_seq_one_letter_code
;GSTEGKGSGLQGHIIENPQYFSDACVHHIKRRDIVLKWELGEGAFGKVFLAECHNLLPEQDKMLVAVKALKEASESARQD
FQREAELLTMLQHQHIVRFFGVCTEGRPLLMVFEYMRHGDLNRFLRSHGPDAKLLAGGEDVAPGPLGLGQLLAVASQVAA
GMVYLAGLHFVHRDLATRNCLVGQGLVVKIGDFGMSRDIYSTDYYRVGGRTMLPIRWMPPESILYRKFTTESDVWSFGVV
LWEIFTYGKQPWYQLSNTEAIDCITQGRELERPRACPPEVYAIMRGCWQREPQQRHSIKDVHARLQALAQAPPVYLDVLG
;
_entity_poly.pdbx_strand_id   A
#
# COMPACT_ATOMS: atom_id res chain seq x y z
N CYS A 25 16.77 11.06 13.29
CA CYS A 25 18.04 11.24 12.59
C CYS A 25 18.15 10.27 11.41
N VAL A 26 18.36 10.82 10.21
CA VAL A 26 18.41 10.05 8.97
C VAL A 26 19.82 9.55 8.64
N HIS A 27 19.93 8.33 8.09
CA HIS A 27 21.20 7.78 7.66
C HIS A 27 21.59 8.40 6.32
N HIS A 28 22.89 8.68 6.13
CA HIS A 28 23.36 9.25 4.87
C HIS A 28 24.26 8.28 4.10
N ILE A 29 23.87 8.03 2.85
CA ILE A 29 24.53 7.09 1.96
C ILE A 29 25.37 7.84 0.93
N LYS A 30 26.67 7.53 0.86
CA LYS A 30 27.58 8.19 -0.09
C LYS A 30 27.23 7.81 -1.54
N ARG A 31 27.23 8.80 -2.43
CA ARG A 31 26.86 8.62 -3.84
C ARG A 31 27.65 7.50 -4.53
N ARG A 32 28.96 7.42 -4.28
CA ARG A 32 29.77 6.38 -4.91
C ARG A 32 29.39 4.95 -4.46
N ASP A 33 28.61 4.81 -3.37
CA ASP A 33 28.11 3.49 -2.94
C ASP A 33 26.83 3.05 -3.73
N ILE A 34 26.18 3.99 -4.44
CA ILE A 34 24.97 3.71 -5.20
C ILE A 34 25.26 3.54 -6.70
N VAL A 35 24.89 2.39 -7.27
CA VAL A 35 25.09 2.10 -8.69
C VAL A 35 23.74 1.84 -9.44
N LEU A 36 23.20 2.87 -10.10
CA LEU A 36 21.94 2.78 -10.84
C LEU A 36 22.04 1.74 -11.94
N LYS A 37 21.01 0.90 -12.09
CA LYS A 37 21.04 -0.17 -13.08
C LYS A 37 19.91 -0.08 -14.10
N TRP A 38 18.67 0.03 -13.65
CA TRP A 38 17.53 0.05 -14.56
C TRP A 38 16.34 0.80 -13.98
N GLU A 39 15.77 1.78 -14.68
CA GLU A 39 14.60 2.49 -14.18
C GLU A 39 13.35 1.58 -14.00
N LEU A 40 12.85 1.47 -12.75
CA LEU A 40 11.69 0.65 -12.39
C LEU A 40 10.37 1.37 -12.63
N GLY A 41 10.33 2.65 -12.29
CA GLY A 41 9.13 3.45 -12.46
C GLY A 41 9.39 4.94 -12.38
N GLU A 42 8.31 5.74 -12.34
CA GLU A 42 8.44 7.18 -12.24
C GLU A 42 7.08 7.89 -12.02
N GLY A 43 7.14 9.20 -11.81
CA GLY A 43 5.98 10.06 -11.60
C GLY A 43 6.36 11.51 -11.74
N ALA A 44 5.57 12.40 -11.14
CA ALA A 44 5.87 13.84 -11.18
C ALA A 44 7.04 14.19 -10.23
N PHE A 45 7.22 13.39 -9.15
CA PHE A 45 8.29 13.52 -8.15
C PHE A 45 9.70 13.35 -8.74
N GLY A 46 9.82 12.43 -9.69
CA GLY A 46 11.07 12.04 -10.32
C GLY A 46 11.01 10.57 -10.76
N LYS A 47 12.15 9.87 -10.77
CA LYS A 47 12.19 8.47 -11.21
C LYS A 47 12.62 7.51 -10.11
N VAL A 48 12.25 6.22 -10.24
CA VAL A 48 12.65 5.15 -9.32
C VAL A 48 13.52 4.16 -10.11
N PHE A 49 14.74 3.93 -9.64
CA PHE A 49 15.67 3.05 -10.32
C PHE A 49 16.00 1.83 -9.52
N LEU A 50 16.30 0.73 -10.21
CA LEU A 50 16.84 -0.46 -9.57
C LEU A 50 18.31 -0.13 -9.49
N ALA A 51 18.92 -0.39 -8.34
CA ALA A 51 20.32 -0.04 -8.12
C ALA A 51 21.06 -1.07 -7.27
N GLU A 52 22.39 -1.08 -7.35
CA GLU A 52 23.20 -1.92 -6.50
C GLU A 52 23.79 -1.01 -5.43
N CYS A 53 23.77 -1.42 -4.15
CA CYS A 53 24.30 -0.59 -3.08
C CYS A 53 25.39 -1.30 -2.30
N HIS A 54 26.48 -0.59 -2.07
CA HIS A 54 27.62 -1.13 -1.34
C HIS A 54 27.66 -0.57 0.09
N ASN A 55 28.26 -1.35 1.03
CA ASN A 55 28.42 -0.99 2.44
C ASN A 55 27.11 -0.52 3.09
N LEU A 56 26.01 -1.22 2.80
CA LEU A 56 24.72 -0.88 3.39
C LEU A 56 24.46 -1.85 4.55
N LEU A 57 24.42 -3.16 4.24
CA LEU A 57 24.26 -4.22 5.20
C LEU A 57 25.61 -4.90 5.42
N PRO A 58 25.88 -5.34 6.65
CA PRO A 58 27.20 -5.95 6.93
C PRO A 58 27.50 -7.25 6.19
N GLU A 59 26.53 -8.18 6.13
CA GLU A 59 26.72 -9.47 5.46
C GLU A 59 26.91 -9.33 3.93
N GLN A 60 26.32 -8.29 3.32
CA GLN A 60 26.38 -8.13 1.87
C GLN A 60 27.25 -6.96 1.38
N ASP A 61 28.19 -7.29 0.47
CA ASP A 61 29.09 -6.31 -0.15
C ASP A 61 28.33 -5.43 -1.16
N LYS A 62 27.42 -6.04 -1.91
CA LYS A 62 26.55 -5.35 -2.86
C LYS A 62 25.15 -6.00 -2.82
N MET A 63 24.12 -5.17 -2.92
CA MET A 63 22.75 -5.66 -2.83
C MET A 63 21.79 -4.77 -3.57
N LEU A 64 20.72 -5.36 -4.08
CA LEU A 64 19.71 -4.59 -4.83
C LEU A 64 18.81 -3.74 -3.96
N VAL A 65 18.68 -2.48 -4.34
CA VAL A 65 17.86 -1.47 -3.68
C VAL A 65 17.11 -0.68 -4.76
N ALA A 66 16.03 -0.01 -4.37
CA ALA A 66 15.28 0.85 -5.27
C ALA A 66 15.49 2.29 -4.85
N VAL A 67 15.99 3.12 -5.76
CA VAL A 67 16.29 4.53 -5.48
C VAL A 67 15.32 5.52 -6.10
N LYS A 68 14.70 6.36 -5.27
CA LYS A 68 13.82 7.41 -5.74
C LYS A 68 14.64 8.72 -5.86
N ALA A 69 14.75 9.26 -7.08
CA ALA A 69 15.47 10.50 -7.34
C ALA A 69 14.46 11.64 -7.50
N LEU A 70 14.72 12.79 -6.87
CA LEU A 70 13.78 13.92 -6.90
C LEU A 70 14.11 14.98 -7.92
N LYS A 71 13.11 15.33 -8.74
CA LYS A 71 13.18 16.30 -9.83
C LYS A 71 13.62 17.71 -9.40
N GLU A 72 13.26 18.14 -8.18
CA GLU A 72 13.63 19.48 -7.72
C GLU A 72 14.65 19.45 -6.57
N ALA A 73 15.49 20.49 -6.47
CA ALA A 73 16.49 20.62 -5.41
C ALA A 73 16.32 21.91 -4.56
N SER A 74 15.29 22.75 -4.90
CA SER A 74 14.95 24.01 -4.26
C SER A 74 14.55 23.80 -2.79
N GLU A 75 14.89 24.78 -1.91
CA GLU A 75 14.61 24.75 -0.47
C GLU A 75 13.14 24.46 -0.09
N SER A 76 12.19 24.82 -0.96
CA SER A 76 10.76 24.58 -0.73
C SER A 76 10.46 23.08 -0.67
N ALA A 77 11.07 22.31 -1.59
CA ALA A 77 10.91 20.87 -1.66
C ALA A 77 12.05 20.10 -0.97
N ARG A 78 13.16 20.76 -0.66
CA ARG A 78 14.34 20.21 0.03
C ARG A 78 13.98 19.85 1.47
N GLN A 79 13.22 20.75 2.14
CA GLN A 79 12.77 20.52 3.51
C GLN A 79 11.62 19.50 3.52
N ASP A 80 10.75 19.53 2.50
CA ASP A 80 9.65 18.58 2.33
C ASP A 80 10.20 17.15 2.15
N PHE A 81 11.33 17.02 1.44
CA PHE A 81 12.01 15.74 1.20
C PHE A 81 12.51 15.20 2.54
N GLN A 82 13.18 16.06 3.33
CA GLN A 82 13.73 15.74 4.65
C GLN A 82 12.62 15.36 5.64
N ARG A 83 11.43 15.95 5.49
CA ARG A 83 10.27 15.66 6.31
C ARG A 83 9.82 14.22 6.05
N GLU A 84 9.74 13.82 4.76
CA GLU A 84 9.35 12.46 4.40
C GLU A 84 10.42 11.47 4.80
N ALA A 85 11.70 11.84 4.65
CA ALA A 85 12.84 10.98 5.01
C ALA A 85 12.88 10.68 6.49
N GLU A 86 12.58 11.69 7.33
CA GLU A 86 12.55 11.50 8.79
C GLU A 86 11.38 10.62 9.18
N LEU A 87 10.21 10.86 8.57
CA LEU A 87 9.02 10.09 8.86
C LEU A 87 9.23 8.62 8.46
N LEU A 88 9.80 8.41 7.27
CA LEU A 88 10.10 7.08 6.73
C LEU A 88 11.07 6.35 7.67
N THR A 89 12.08 7.08 8.17
CA THR A 89 13.10 6.60 9.09
C THR A 89 12.49 6.05 10.37
N MET A 90 11.51 6.78 10.93
CA MET A 90 10.81 6.41 12.17
C MET A 90 9.93 5.18 12.02
N LEU A 91 9.23 5.04 10.89
CA LEU A 91 8.37 3.89 10.67
C LEU A 91 9.17 2.61 10.40
N GLN A 92 9.05 1.65 11.31
CA GLN A 92 9.78 0.39 11.22
C GLN A 92 8.84 -0.74 11.53
N HIS A 93 8.45 -1.52 10.52
CA HIS A 93 7.52 -2.63 10.73
C HIS A 93 7.66 -3.67 9.64
N GLN A 94 7.48 -4.95 9.98
CA GLN A 94 7.55 -6.07 9.05
C GLN A 94 6.77 -5.85 7.74
N HIS A 95 5.69 -5.06 7.79
CA HIS A 95 4.86 -4.82 6.60
C HIS A 95 4.79 -3.37 6.18
N ILE A 96 5.85 -2.63 6.41
CA ILE A 96 6.05 -1.26 5.96
C ILE A 96 7.38 -1.37 5.22
N VAL A 97 7.45 -0.93 3.95
CA VAL A 97 8.69 -1.06 3.16
C VAL A 97 9.93 -0.50 3.88
N ARG A 98 11.05 -1.22 3.81
CA ARG A 98 12.28 -0.78 4.47
C ARG A 98 12.83 0.46 3.77
N PHE A 99 13.14 1.48 4.58
CA PHE A 99 13.76 2.73 4.13
C PHE A 99 15.21 2.67 4.63
N PHE A 100 16.19 2.92 3.75
CA PHE A 100 17.59 2.78 4.12
C PHE A 100 18.39 4.05 4.27
N GLY A 101 17.86 5.17 3.82
CA GLY A 101 18.59 6.43 3.92
C GLY A 101 18.53 7.33 2.70
N VAL A 102 19.29 8.42 2.76
CA VAL A 102 19.29 9.43 1.70
C VAL A 102 20.70 9.82 1.23
N CYS A 103 20.79 10.37 0.02
CA CYS A 103 22.01 10.90 -0.53
C CYS A 103 21.73 12.33 -0.94
N THR A 104 22.22 13.27 -0.16
CA THR A 104 22.02 14.68 -0.42
C THR A 104 23.30 15.34 -0.94
N GLU A 105 24.09 14.60 -1.72
CA GLU A 105 25.31 15.17 -2.31
C GLU A 105 24.89 15.73 -3.65
N GLY A 106 24.40 16.96 -3.63
CA GLY A 106 23.94 17.65 -4.82
C GLY A 106 22.62 17.11 -5.36
N ARG A 107 22.23 17.61 -6.53
CA ARG A 107 20.99 17.19 -7.16
C ARG A 107 21.26 16.08 -8.19
N PRO A 108 20.32 15.12 -8.33
CA PRO A 108 19.06 14.99 -7.58
C PRO A 108 19.27 14.41 -6.19
N LEU A 109 18.31 14.65 -5.32
CA LEU A 109 18.34 14.10 -3.97
C LEU A 109 17.84 12.68 -4.07
N LEU A 110 18.68 11.71 -3.70
CA LEU A 110 18.33 10.28 -3.73
C LEU A 110 17.68 9.79 -2.41
N MET A 111 16.76 8.83 -2.52
CA MET A 111 16.08 8.20 -1.39
C MET A 111 16.18 6.67 -1.60
N VAL A 112 16.83 5.95 -0.67
CA VAL A 112 17.04 4.52 -0.87
C VAL A 112 16.07 3.68 -0.09
N PHE A 113 15.39 2.78 -0.80
CA PHE A 113 14.43 1.82 -0.26
C PHE A 113 14.91 0.42 -0.63
N GLU A 114 14.42 -0.59 0.07
CA GLU A 114 14.74 -1.97 -0.28
C GLU A 114 14.07 -2.34 -1.61
N TYR A 115 14.62 -3.35 -2.29
CA TYR A 115 14.07 -3.78 -3.56
C TYR A 115 13.02 -4.88 -3.38
N MET A 116 11.82 -4.61 -3.87
CA MET A 116 10.68 -5.51 -3.87
C MET A 116 10.52 -5.97 -5.30
N ARG A 117 10.99 -7.20 -5.60
CA ARG A 117 11.02 -7.89 -6.90
C ARG A 117 9.78 -7.73 -7.79
N HIS A 118 8.58 -7.92 -7.22
CA HIS A 118 7.35 -7.92 -8.01
C HIS A 118 6.65 -6.56 -8.15
N GLY A 119 7.29 -5.49 -7.71
CA GLY A 119 6.72 -4.16 -7.84
C GLY A 119 5.48 -3.93 -7.01
N ASP A 120 4.61 -3.04 -7.47
CA ASP A 120 3.37 -2.74 -6.75
C ASP A 120 2.36 -3.87 -6.83
N LEU A 121 1.61 -4.05 -5.72
CA LEU A 121 0.58 -5.06 -5.52
C LEU A 121 -0.49 -5.01 -6.59
N ASN A 122 -0.78 -3.82 -7.13
CA ASN A 122 -1.78 -3.70 -8.18
C ASN A 122 -1.34 -4.45 -9.45
N ARG A 123 -0.09 -4.24 -9.88
CA ARG A 123 0.44 -4.93 -11.06
C ARG A 123 0.55 -6.43 -10.78
N PHE A 124 1.01 -6.80 -9.59
CA PHE A 124 1.15 -8.19 -9.16
C PHE A 124 -0.19 -8.93 -9.17
N LEU A 125 -1.27 -8.31 -8.69
CA LEU A 125 -2.57 -8.96 -8.67
C LEU A 125 -3.10 -9.16 -10.11
N ARG A 126 -2.91 -8.16 -10.96
CA ARG A 126 -3.35 -8.23 -12.36
C ARG A 126 -2.61 -9.31 -13.15
N SER A 127 -1.28 -9.36 -12.98
CA SER A 127 -0.43 -10.35 -13.63
C SER A 127 -0.63 -11.78 -13.07
N HIS A 128 -1.20 -11.90 -11.88
CA HIS A 128 -1.45 -13.21 -11.29
C HIS A 128 -2.95 -13.49 -11.16
N GLY A 129 -3.72 -13.04 -12.14
CA GLY A 129 -5.17 -13.20 -12.17
C GLY A 129 -5.69 -13.50 -13.56
N PRO A 130 -6.93 -14.00 -13.64
CA PRO A 130 -7.48 -14.39 -14.97
C PRO A 130 -7.75 -13.23 -15.92
N GLY A 144 0.59 -19.09 -12.22
CA GLY A 144 -0.82 -18.96 -12.56
C GLY A 144 -1.57 -18.00 -11.65
N PRO A 145 -2.87 -18.26 -11.39
CA PRO A 145 -3.64 -17.35 -10.52
C PRO A 145 -3.52 -17.68 -9.02
N LEU A 146 -3.36 -16.64 -8.20
CA LEU A 146 -3.24 -16.75 -6.76
C LEU A 146 -4.45 -17.46 -6.16
N GLY A 147 -4.20 -18.33 -5.17
CA GLY A 147 -5.28 -19.06 -4.51
C GLY A 147 -5.89 -18.28 -3.37
N LEU A 148 -7.05 -18.73 -2.84
CA LEU A 148 -7.73 -18.06 -1.71
C LEU A 148 -6.79 -17.78 -0.52
N GLY A 149 -5.98 -18.77 -0.18
CA GLY A 149 -5.03 -18.65 0.92
C GLY A 149 -4.01 -17.56 0.63
N GLN A 150 -3.51 -17.53 -0.61
CA GLN A 150 -2.54 -16.51 -1.01
C GLN A 150 -3.16 -15.13 -0.95
N LEU A 151 -4.42 -15.00 -1.40
CA LEU A 151 -5.15 -13.74 -1.38
C LEU A 151 -5.39 -13.27 0.05
N LEU A 152 -5.70 -14.19 0.96
CA LEU A 152 -5.93 -13.86 2.35
C LEU A 152 -4.64 -13.44 3.05
N ALA A 153 -3.51 -14.08 2.68
CA ALA A 153 -2.18 -13.76 3.19
C ALA A 153 -1.82 -12.32 2.83
N VAL A 154 -2.03 -11.91 1.55
CA VAL A 154 -1.79 -10.54 1.07
C VAL A 154 -2.62 -9.55 1.89
N ALA A 155 -3.90 -9.83 2.03
CA ALA A 155 -4.83 -8.99 2.78
C ALA A 155 -4.39 -8.83 4.25
N SER A 156 -3.99 -9.94 4.88
CA SER A 156 -3.57 -9.97 6.28
C SER A 156 -2.31 -9.13 6.51
N GLN A 157 -1.37 -9.19 5.54
CA GLN A 157 -0.14 -8.43 5.60
C GLN A 157 -0.40 -6.93 5.45
N VAL A 158 -1.37 -6.53 4.60
CA VAL A 158 -1.67 -5.11 4.43
C VAL A 158 -2.29 -4.54 5.70
N ALA A 159 -3.21 -5.30 6.29
CA ALA A 159 -3.88 -4.97 7.54
C ALA A 159 -2.88 -4.95 8.68
N ALA A 160 -1.84 -5.80 8.67
CA ALA A 160 -0.80 -5.80 9.70
C ALA A 160 -0.07 -4.46 9.71
N GLY A 161 0.33 -3.98 8.53
CA GLY A 161 1.01 -2.69 8.42
C GLY A 161 0.10 -1.55 8.82
N MET A 162 -1.22 -1.68 8.55
CA MET A 162 -2.18 -0.68 8.90
C MET A 162 -2.42 -0.65 10.40
N VAL A 163 -2.38 -1.81 11.09
CA VAL A 163 -2.53 -1.86 12.55
C VAL A 163 -1.43 -1.04 13.21
N TYR A 164 -0.21 -1.18 12.70
CA TYR A 164 0.94 -0.44 13.15
C TYR A 164 0.71 1.09 13.01
N LEU A 165 0.29 1.55 11.82
CA LEU A 165 0.01 2.96 11.60
C LEU A 165 -1.09 3.47 12.52
N ALA A 166 -2.13 2.66 12.74
CA ALA A 166 -3.23 3.05 13.63
C ALA A 166 -2.73 3.24 15.06
N GLY A 167 -1.85 2.35 15.51
CA GLY A 167 -1.24 2.40 16.83
C GLY A 167 -0.44 3.68 17.05
N LEU A 168 0.26 4.15 16.01
CA LEU A 168 1.02 5.40 16.10
C LEU A 168 0.17 6.64 15.80
N HIS A 169 -1.17 6.48 15.67
CA HIS A 169 -2.12 7.54 15.29
C HIS A 169 -1.84 8.13 13.89
N PHE A 170 -1.16 7.36 13.03
CA PHE A 170 -0.82 7.78 11.68
C PHE A 170 -1.96 7.47 10.71
N VAL A 171 -2.37 8.48 9.93
CA VAL A 171 -3.39 8.32 8.91
C VAL A 171 -2.69 8.33 7.53
N HIS A 172 -2.69 7.19 6.83
CA HIS A 172 -2.06 7.03 5.51
C HIS A 172 -2.66 7.94 4.44
N ARG A 173 -4.00 8.05 4.41
CA ARG A 173 -4.74 8.90 3.47
C ARG A 173 -4.92 8.32 2.06
N ASP A 174 -3.92 7.58 1.56
CA ASP A 174 -4.04 7.01 0.21
C ASP A 174 -3.73 5.52 0.17
N LEU A 175 -4.37 4.74 1.05
CA LEU A 175 -4.13 3.31 1.05
C LEU A 175 -4.77 2.67 -0.19
N ALA A 176 -3.95 1.99 -1.00
CA ALA A 176 -4.36 1.33 -2.24
C ALA A 176 -3.33 0.25 -2.61
N THR A 177 -3.70 -0.73 -3.45
CA THR A 177 -2.75 -1.76 -3.87
C THR A 177 -1.60 -1.16 -4.68
N ARG A 178 -1.85 -0.08 -5.43
CA ARG A 178 -0.79 0.60 -6.18
C ARG A 178 0.27 1.19 -5.22
N ASN A 179 -0.11 1.49 -3.96
CA ASN A 179 0.82 2.01 -2.96
C ASN A 179 1.35 0.92 -2.02
N CYS A 180 1.33 -0.32 -2.46
CA CYS A 180 1.85 -1.47 -1.71
C CYS A 180 2.82 -2.17 -2.60
N LEU A 181 3.88 -2.72 -2.04
CA LEU A 181 4.85 -3.48 -2.84
C LEU A 181 4.88 -4.95 -2.43
N VAL A 182 5.30 -5.81 -3.36
CA VAL A 182 5.40 -7.25 -3.20
C VAL A 182 6.86 -7.68 -3.40
N GLY A 183 7.45 -8.22 -2.36
CA GLY A 183 8.83 -8.71 -2.44
C GLY A 183 8.87 -10.21 -2.66
N GLN A 184 10.03 -10.83 -2.39
CA GLN A 184 10.19 -12.26 -2.57
C GLN A 184 9.27 -13.05 -1.64
N GLY A 185 8.76 -14.17 -2.12
CA GLY A 185 7.94 -15.05 -1.31
C GLY A 185 6.62 -14.47 -0.83
N LEU A 186 5.97 -13.62 -1.65
CA LEU A 186 4.66 -13.04 -1.37
C LEU A 186 4.64 -12.12 -0.14
N VAL A 187 5.78 -11.49 0.17
CA VAL A 187 5.83 -10.58 1.30
C VAL A 187 5.29 -9.23 0.84
N VAL A 188 4.17 -8.77 1.40
CA VAL A 188 3.56 -7.51 1.01
C VAL A 188 3.84 -6.46 2.08
N LYS A 189 4.19 -5.25 1.67
CA LYS A 189 4.49 -4.13 2.54
C LYS A 189 3.82 -2.83 2.00
N ILE A 190 3.66 -1.81 2.84
CA ILE A 190 3.03 -0.53 2.43
C ILE A 190 4.05 0.58 2.11
N GLY A 191 3.77 1.37 1.07
CA GLY A 191 4.61 2.49 0.60
C GLY A 191 3.90 3.80 0.27
N ASP A 192 4.51 4.64 -0.60
CA ASP A 192 4.05 5.99 -1.02
C ASP A 192 3.21 6.71 0.03
N PHE A 193 3.84 7.08 1.15
CA PHE A 193 3.14 7.72 2.26
C PHE A 193 2.75 9.18 1.97
N LEU A 213 -6.81 13.37 -5.44
CA LEU A 213 -7.77 12.72 -4.55
C LEU A 213 -8.26 11.36 -5.09
N PRO A 214 -7.93 10.27 -4.37
CA PRO A 214 -8.37 8.94 -4.81
C PRO A 214 -9.76 8.67 -4.27
N ILE A 215 -10.73 9.41 -4.80
CA ILE A 215 -12.11 9.35 -4.34
C ILE A 215 -12.69 7.93 -4.32
N ARG A 216 -12.25 7.05 -5.22
CA ARG A 216 -12.75 5.70 -5.28
C ARG A 216 -12.46 4.92 -4.01
N TRP A 217 -11.30 5.20 -3.38
CA TRP A 217 -10.90 4.55 -2.13
C TRP A 217 -11.43 5.28 -0.88
N MET A 218 -11.87 6.54 -1.04
CA MET A 218 -12.35 7.38 0.06
C MET A 218 -13.78 7.12 0.56
N PRO A 219 -13.97 7.26 1.89
CA PRO A 219 -15.34 7.16 2.46
C PRO A 219 -16.18 8.44 2.24
N PRO A 220 -17.48 8.47 2.59
CA PRO A 220 -18.29 9.69 2.35
C PRO A 220 -17.80 10.96 3.07
N GLU A 221 -17.43 10.88 4.36
CA GLU A 221 -16.97 12.08 5.09
C GLU A 221 -15.66 12.67 4.55
N SER A 222 -14.82 11.85 3.91
CA SER A 222 -13.56 12.34 3.33
C SER A 222 -13.84 13.02 2.01
N ILE A 223 -14.79 12.49 1.21
CA ILE A 223 -15.18 13.05 -0.08
C ILE A 223 -15.86 14.42 0.10
N LEU A 224 -16.84 14.50 1.01
CA LEU A 224 -17.61 15.71 1.25
C LEU A 224 -16.94 16.75 2.13
N TYR A 225 -16.22 16.31 3.18
CA TYR A 225 -15.69 17.25 4.17
C TYR A 225 -14.17 17.29 4.28
N ARG A 226 -13.44 16.55 3.41
CA ARG A 226 -11.97 16.47 3.39
C ARG A 226 -11.38 16.06 4.74
N LYS A 227 -12.11 15.21 5.49
CA LYS A 227 -11.73 14.74 6.83
C LYS A 227 -11.14 13.33 6.79
N PHE A 228 -9.82 13.22 7.01
CA PHE A 228 -9.13 11.93 6.98
C PHE A 228 -8.73 11.52 8.38
N THR A 229 -9.20 10.35 8.81
CA THR A 229 -8.94 9.81 10.15
C THR A 229 -8.54 8.30 10.08
N THR A 230 -8.29 7.65 11.21
CA THR A 230 -8.02 6.21 11.26
C THR A 230 -9.24 5.41 10.72
N GLU A 231 -10.45 5.98 10.86
CA GLU A 231 -11.71 5.42 10.40
C GLU A 231 -11.84 5.57 8.89
N SER A 232 -11.37 6.68 8.32
CA SER A 232 -11.37 6.84 6.87
C SER A 232 -10.38 5.81 6.25
N ASP A 233 -9.27 5.50 6.96
CA ASP A 233 -8.27 4.54 6.55
C ASP A 233 -8.86 3.12 6.55
N VAL A 234 -9.75 2.83 7.53
CA VAL A 234 -10.41 1.54 7.66
C VAL A 234 -11.27 1.28 6.45
N TRP A 235 -12.05 2.31 6.01
CA TRP A 235 -12.86 2.23 4.80
C TRP A 235 -11.98 1.88 3.59
N SER A 236 -10.87 2.64 3.40
CA SER A 236 -9.91 2.43 2.33
C SER A 236 -9.38 1.00 2.38
N PHE A 237 -9.10 0.44 3.57
CA PHE A 237 -8.69 -0.95 3.68
C PHE A 237 -9.73 -1.92 3.06
N GLY A 238 -11.03 -1.72 3.33
CA GLY A 238 -12.09 -2.52 2.73
C GLY A 238 -12.12 -2.39 1.22
N VAL A 239 -11.82 -1.19 0.70
CA VAL A 239 -11.72 -0.99 -0.73
C VAL A 239 -10.51 -1.80 -1.28
N VAL A 240 -9.38 -1.81 -0.54
CA VAL A 240 -8.17 -2.57 -0.84
C VAL A 240 -8.45 -4.08 -0.81
N LEU A 241 -9.32 -4.52 0.13
CA LEU A 241 -9.78 -5.90 0.24
C LEU A 241 -10.51 -6.27 -1.04
N TRP A 242 -11.39 -5.38 -1.54
CA TRP A 242 -12.11 -5.60 -2.78
C TRP A 242 -11.13 -5.75 -3.94
N GLU A 243 -10.14 -4.83 -4.05
CA GLU A 243 -9.09 -4.86 -5.06
C GLU A 243 -8.36 -6.21 -5.06
N ILE A 244 -8.06 -6.77 -3.88
CA ILE A 244 -7.34 -8.03 -3.80
C ILE A 244 -8.17 -9.15 -4.38
N PHE A 245 -9.42 -9.29 -3.93
CA PHE A 245 -10.28 -10.36 -4.42
C PHE A 245 -10.84 -10.14 -5.84
N THR A 246 -10.53 -9.01 -6.48
CA THR A 246 -10.89 -8.79 -7.88
C THR A 246 -9.62 -8.89 -8.77
N TYR A 247 -8.45 -9.25 -8.22
CA TYR A 247 -7.18 -9.32 -8.93
C TYR A 247 -6.77 -7.96 -9.52
N GLY A 248 -6.85 -6.93 -8.70
CA GLY A 248 -6.40 -5.58 -9.03
C GLY A 248 -7.35 -4.67 -9.77
N LYS A 249 -8.63 -5.05 -9.93
CA LYS A 249 -9.58 -4.22 -10.67
C LYS A 249 -9.92 -2.90 -9.94
N GLN A 250 -10.31 -1.86 -10.69
CA GLN A 250 -10.60 -0.56 -10.07
C GLN A 250 -11.93 -0.53 -9.37
N PRO A 251 -11.99 0.07 -8.15
CA PRO A 251 -13.30 0.19 -7.45
C PRO A 251 -14.24 1.03 -8.30
N TRP A 252 -15.40 0.46 -8.66
CA TRP A 252 -16.39 1.11 -9.54
C TRP A 252 -15.85 1.28 -11.00
N TYR A 253 -15.16 0.27 -11.56
CA TYR A 253 -14.62 0.38 -12.92
C TYR A 253 -15.68 0.76 -13.97
N GLN A 254 -16.93 0.37 -13.72
CA GLN A 254 -18.07 0.64 -14.57
C GLN A 254 -18.49 2.11 -14.62
N LEU A 255 -18.13 2.89 -13.59
CA LEU A 255 -18.59 4.25 -13.43
C LEU A 255 -17.53 5.30 -13.72
N SER A 256 -17.99 6.53 -13.99
CA SER A 256 -17.10 7.67 -14.19
C SER A 256 -16.69 8.22 -12.82
N ASN A 257 -15.65 9.08 -12.79
CA ASN A 257 -15.18 9.71 -11.57
C ASN A 257 -16.28 10.43 -10.76
N THR A 258 -17.27 11.02 -11.44
CA THR A 258 -18.35 11.74 -10.75
C THR A 258 -19.54 10.80 -10.43
N GLU A 259 -19.75 9.77 -11.27
CA GLU A 259 -20.80 8.79 -11.01
C GLU A 259 -20.43 8.00 -9.74
N ALA A 260 -19.14 7.67 -9.55
CA ALA A 260 -18.63 6.95 -8.39
C ALA A 260 -18.86 7.72 -7.09
N ILE A 261 -18.57 9.05 -7.08
CA ILE A 261 -18.80 9.89 -5.91
C ILE A 261 -20.26 9.85 -5.45
N ASP A 262 -21.19 10.00 -6.40
CA ASP A 262 -22.64 9.93 -6.18
C ASP A 262 -23.01 8.58 -5.58
N CYS A 263 -22.41 7.49 -6.09
CA CYS A 263 -22.64 6.13 -5.61
C CYS A 263 -22.17 5.95 -4.16
N ILE A 264 -20.96 6.44 -3.85
CA ILE A 264 -20.35 6.34 -2.54
C ILE A 264 -21.12 7.15 -1.49
N THR A 265 -21.42 8.41 -1.81
CA THR A 265 -22.10 9.32 -0.91
C THR A 265 -23.55 8.88 -0.68
N GLN A 266 -24.22 8.29 -1.70
CA GLN A 266 -25.59 7.81 -1.52
C GLN A 266 -25.65 6.56 -0.62
N GLY A 267 -24.58 5.77 -0.57
CA GLY A 267 -24.53 4.60 0.28
C GLY A 267 -24.52 3.27 -0.45
N ARG A 268 -24.06 3.27 -1.71
CA ARG A 268 -24.00 2.03 -2.48
C ARG A 268 -22.68 1.32 -2.18
N GLU A 269 -22.72 -0.02 -2.06
CA GLU A 269 -21.52 -0.81 -1.78
C GLU A 269 -21.12 -1.64 -2.99
N LEU A 270 -19.81 -1.89 -3.15
CA LEU A 270 -19.29 -2.70 -4.25
C LEU A 270 -19.82 -4.12 -4.14
N GLU A 271 -20.26 -4.72 -5.25
CA GLU A 271 -20.77 -6.09 -5.25
C GLU A 271 -19.68 -7.09 -4.78
N ARG A 272 -20.08 -8.21 -4.15
CA ARG A 272 -19.11 -9.21 -3.68
C ARG A 272 -18.35 -9.83 -4.83
N PRO A 273 -17.01 -9.70 -4.85
CA PRO A 273 -16.23 -10.33 -5.93
C PRO A 273 -16.47 -11.84 -6.06
N ARG A 274 -16.44 -12.33 -7.30
CA ARG A 274 -16.64 -13.73 -7.63
C ARG A 274 -15.72 -14.68 -6.82
N ALA A 275 -14.45 -14.31 -6.65
CA ALA A 275 -13.48 -15.12 -5.88
C ALA A 275 -13.44 -14.77 -4.38
N CYS A 276 -14.45 -14.05 -3.88
CA CYS A 276 -14.48 -13.61 -2.49
C CYS A 276 -15.47 -14.39 -1.65
N PRO A 277 -15.00 -15.12 -0.63
CA PRO A 277 -15.93 -15.83 0.25
C PRO A 277 -16.85 -14.87 0.99
N PRO A 278 -18.08 -15.31 1.33
CA PRO A 278 -19.01 -14.41 2.05
C PRO A 278 -18.45 -13.86 3.36
N GLU A 279 -17.55 -14.63 4.01
CA GLU A 279 -16.89 -14.25 5.26
C GLU A 279 -15.97 -13.05 5.03
N VAL A 280 -15.28 -13.00 3.88
CA VAL A 280 -14.40 -11.89 3.56
C VAL A 280 -15.24 -10.66 3.12
N TYR A 281 -16.34 -10.91 2.42
CA TYR A 281 -17.25 -9.84 2.04
C TYR A 281 -17.86 -9.18 3.26
N ALA A 282 -18.13 -9.98 4.32
CA ALA A 282 -18.66 -9.50 5.59
C ALA A 282 -17.67 -8.50 6.21
N ILE A 283 -16.36 -8.81 6.15
CA ILE A 283 -15.29 -7.95 6.63
C ILE A 283 -15.27 -6.61 5.85
N MET A 284 -15.44 -6.65 4.51
CA MET A 284 -15.45 -5.40 3.73
C MET A 284 -16.68 -4.58 4.11
N ARG A 285 -17.84 -5.24 4.27
CA ARG A 285 -19.05 -4.54 4.67
C ARG A 285 -18.90 -3.86 6.04
N GLY A 286 -18.10 -4.43 6.92
CA GLY A 286 -17.80 -3.87 8.24
C GLY A 286 -16.96 -2.60 8.16
N CYS A 287 -16.13 -2.52 7.11
CA CYS A 287 -15.28 -1.38 6.76
C CYS A 287 -16.09 -0.28 6.08
N TRP A 288 -17.28 -0.59 5.54
CA TRP A 288 -18.04 0.38 4.78
C TRP A 288 -19.29 0.90 5.48
N GLN A 289 -19.29 0.97 6.81
CA GLN A 289 -20.41 1.58 7.54
C GLN A 289 -20.38 3.09 7.23
N ARG A 290 -21.53 3.71 6.89
CA ARG A 290 -21.54 5.13 6.54
C ARG A 290 -21.02 6.01 7.67
N GLU A 291 -21.31 5.63 8.91
CA GLU A 291 -20.84 6.36 10.08
C GLU A 291 -19.46 5.86 10.49
N PRO A 292 -18.44 6.72 10.46
CA PRO A 292 -17.08 6.29 10.87
C PRO A 292 -17.00 5.64 12.26
N GLN A 293 -17.90 6.00 13.19
CA GLN A 293 -17.91 5.41 14.52
C GLN A 293 -18.40 3.97 14.51
N GLN A 294 -19.29 3.61 13.58
CA GLN A 294 -19.80 2.25 13.46
C GLN A 294 -18.90 1.30 12.66
N ARG A 295 -17.77 1.79 12.14
CA ARG A 295 -16.83 0.97 11.38
C ARG A 295 -15.92 0.25 12.35
N HIS A 296 -15.55 -1.00 12.01
CA HIS A 296 -14.63 -1.86 12.75
C HIS A 296 -13.26 -1.23 12.90
N SER A 297 -12.53 -1.58 13.97
CA SER A 297 -11.15 -1.11 14.12
C SER A 297 -10.23 -1.95 13.21
N ILE A 298 -9.08 -1.40 12.79
CA ILE A 298 -8.16 -2.18 11.95
C ILE A 298 -7.62 -3.39 12.74
N LYS A 299 -7.34 -3.22 14.07
CA LYS A 299 -6.87 -4.34 14.91
C LYS A 299 -7.83 -5.54 14.83
N ASP A 300 -9.13 -5.23 14.77
CA ASP A 300 -10.22 -6.18 14.66
C ASP A 300 -10.22 -6.85 13.30
N VAL A 301 -10.22 -6.04 12.20
CA VAL A 301 -10.19 -6.49 10.81
C VAL A 301 -9.02 -7.44 10.59
N HIS A 302 -7.81 -7.04 11.05
CA HIS A 302 -6.60 -7.85 10.96
C HIS A 302 -6.79 -9.20 11.64
N ALA A 303 -7.24 -9.21 12.90
CA ALA A 303 -7.44 -10.45 13.63
C ALA A 303 -8.43 -11.40 12.92
N ARG A 304 -9.56 -10.87 12.39
CA ARG A 304 -10.54 -11.68 11.68
C ARG A 304 -9.90 -12.31 10.46
N LEU A 305 -9.14 -11.50 9.69
CA LEU A 305 -8.41 -11.88 8.47
C LEU A 305 -7.35 -12.95 8.80
N GLN A 306 -6.67 -12.78 9.94
CA GLN A 306 -5.64 -13.68 10.44
C GLN A 306 -6.22 -15.06 10.71
N ALA A 307 -7.45 -15.12 11.24
CA ALA A 307 -8.10 -16.41 11.49
C ALA A 307 -8.32 -17.14 10.16
N LEU A 308 -8.91 -16.46 9.15
CA LEU A 308 -9.14 -17.06 7.83
C LEU A 308 -7.84 -17.37 7.10
N ALA A 309 -6.75 -16.64 7.39
CA ALA A 309 -5.46 -16.88 6.72
C ALA A 309 -4.89 -18.25 7.14
N GLN A 310 -5.05 -18.61 8.43
CA GLN A 310 -4.58 -19.87 8.95
C GLN A 310 -5.58 -20.99 8.65
N ALA A 311 -6.88 -20.68 8.76
CA ALA A 311 -7.94 -21.64 8.46
C ALA A 311 -8.83 -21.07 7.35
N PRO A 312 -8.39 -21.19 6.08
CA PRO A 312 -9.20 -20.63 4.98
C PRO A 312 -10.53 -21.33 4.84
N PRO A 313 -11.62 -20.56 4.63
CA PRO A 313 -12.94 -21.20 4.48
C PRO A 313 -12.97 -22.13 3.28
N VAL A 314 -13.67 -23.27 3.38
CA VAL A 314 -13.78 -24.19 2.27
C VAL A 314 -14.78 -23.57 1.31
N TYR A 315 -14.28 -22.66 0.49
CA TYR A 315 -15.05 -21.89 -0.46
C TYR A 315 -14.42 -22.03 -1.82
N LEU A 316 -15.24 -22.38 -2.81
CA LEU A 316 -14.77 -22.48 -4.19
C LEU A 316 -15.51 -21.40 -4.95
N ASP A 317 -14.77 -20.42 -5.52
CA ASP A 317 -15.33 -19.29 -6.28
C ASP A 317 -16.31 -19.72 -7.38
N VAL A 318 -16.14 -20.95 -7.90
CA VAL A 318 -16.95 -21.61 -8.91
C VAL A 318 -18.38 -21.83 -8.39
N LEU A 319 -18.51 -22.27 -7.14
CA LEU A 319 -19.81 -22.51 -6.50
C LEU A 319 -20.55 -21.21 -6.18
N GLY A 320 -19.80 -20.15 -5.88
CA GLY A 320 -20.38 -18.84 -5.56
C GLY A 320 -20.58 -18.61 -4.08
#